data_6V3Q
#
_entry.id   6V3Q
#
_cell.length_a   128.109
_cell.length_b   128.109
_cell.length_c   41.420
_cell.angle_alpha   90.000
_cell.angle_beta   90.000
_cell.angle_gamma   120.000
#
_symmetry.space_group_name_H-M   'P 32'
#
loop_
_entity.id
_entity.type
_entity.pdbx_description
1 polymer 'Metallo-beta-lactamase FIM-1'
2 non-polymer 'ZINC ION'
3 non-polymer 'ISOPROPYL ALCOHOL'
4 water water
#
_entity_poly.entity_id   1
_entity_poly.type   'polypeptide(L)'
_entity_poly.pdbx_seq_one_letter_code
;SNAQPKDVPVTFTAITQGVWMHTSMKHMENWGHVPSNGLIVEKGDFSILVDTAWDDPQTAQIIEWSKDTLKKPIRWAVFT
HAHDDKMGGVAALRQQGIVTYAAADSNRMAPQNGLTPAEHDLIFDSEHSTSVLHPLVIFDPGPGHTRDNIVVGLPEQGIV
FGG(OCS)LIRPSGSTSLGNTADADLAHWKTAVLAVAQRFAEAQQIIPSHGPMAGRELFELTAQLAEKASIPST
;
_entity_poly.pdbx_strand_id   A,B
#
loop_
_chem_comp.id
_chem_comp.type
_chem_comp.name
_chem_comp.formula
IPA non-polymer 'ISOPROPYL ALCOHOL' 'C3 H8 O'
ZN non-polymer 'ZINC ION' 'Zn 2'
#
# COMPACT_ATOMS: atom_id res chain seq x y z
N ALA A 3 11.63 -1.94 -12.04
CA ALA A 3 11.82 -1.02 -10.92
C ALA A 3 10.59 -1.01 -10.02
N GLN A 4 9.42 -0.82 -10.64
CA GLN A 4 8.14 -0.85 -9.94
C GLN A 4 7.37 -2.08 -10.36
N PRO A 5 7.69 -3.26 -9.83
CA PRO A 5 7.04 -4.48 -10.32
C PRO A 5 5.60 -4.57 -9.83
N LYS A 6 4.73 -5.11 -10.70
CA LYS A 6 3.34 -5.28 -10.32
C LYS A 6 3.18 -6.42 -9.32
N ASP A 7 3.85 -7.55 -9.57
CA ASP A 7 3.74 -8.73 -8.73
C ASP A 7 5.11 -9.04 -8.13
N VAL A 8 5.16 -9.11 -6.80
CA VAL A 8 6.40 -9.39 -6.06
C VAL A 8 6.31 -10.79 -5.48
N PRO A 9 7.39 -11.58 -5.54
CA PRO A 9 7.33 -12.94 -4.99
C PRO A 9 7.12 -12.97 -3.49
N VAL A 10 6.50 -14.05 -3.03
CA VAL A 10 6.24 -14.23 -1.60
C VAL A 10 7.56 -14.43 -0.87
N THR A 11 7.73 -13.72 0.25
CA THR A 11 8.93 -13.82 1.05
C THR A 11 8.72 -14.77 2.22
N PHE A 12 9.78 -15.49 2.57
CA PHE A 12 9.76 -16.44 3.68
C PHE A 12 10.88 -16.08 4.65
N THR A 13 10.53 -15.93 5.92
CA THR A 13 11.49 -15.56 6.95
C THR A 13 11.41 -16.55 8.10
N ALA A 14 12.58 -16.97 8.60
CA ALA A 14 12.63 -17.87 9.74
C ALA A 14 12.29 -17.11 11.01
N ILE A 15 11.33 -17.63 11.77
CA ILE A 15 10.88 -17.00 13.01
C ILE A 15 11.62 -17.63 14.18
N THR A 16 11.47 -18.94 14.32
CA THR A 16 12.29 -19.75 15.22
C THR A 16 12.54 -21.08 14.52
N GLN A 17 13.15 -22.03 15.23
CA GLN A 17 13.43 -23.32 14.64
C GLN A 17 12.14 -24.05 14.32
N GLY A 18 11.95 -24.37 13.04
CA GLY A 18 10.76 -25.08 12.60
C GLY A 18 9.54 -24.23 12.36
N VAL A 19 9.67 -22.90 12.42
CA VAL A 19 8.54 -21.99 12.25
C VAL A 19 8.96 -20.90 11.27
N TRP A 20 8.29 -20.84 10.12
CA TRP A 20 8.56 -19.83 9.10
C TRP A 20 7.36 -18.91 8.95
N MET A 21 7.64 -17.65 8.62
CA MET A 21 6.61 -16.67 8.32
C MET A 21 6.64 -16.37 6.83
N HIS A 22 5.49 -16.51 6.17
CA HIS A 22 5.37 -16.14 4.76
C HIS A 22 4.59 -14.83 4.65
N THR A 23 5.09 -13.94 3.78
CA THR A 23 4.52 -12.62 3.57
C THR A 23 4.28 -12.43 2.08
N SER A 24 3.04 -12.11 1.73
CA SER A 24 2.66 -11.89 0.34
C SER A 24 2.05 -10.50 0.20
N MET A 25 2.22 -9.91 -0.97
CA MET A 25 1.75 -8.56 -1.23
C MET A 25 0.59 -8.57 -2.21
N LYS A 26 -0.42 -7.74 -1.93
CA LYS A 26 -1.53 -7.53 -2.84
C LYS A 26 -1.29 -6.21 -3.58
N HIS A 27 -1.34 -6.27 -4.91
CA HIS A 27 -1.18 -5.07 -5.72
C HIS A 27 -2.46 -4.25 -5.66
N MET A 28 -2.31 -2.95 -5.41
N MET A 28 -2.29 -2.95 -5.39
CA MET A 28 -3.43 -2.04 -5.34
CA MET A 28 -3.39 -1.99 -5.33
C MET A 28 -3.45 -1.14 -6.57
C MET A 28 -3.50 -1.23 -6.64
N GLU A 29 -4.56 -0.43 -6.76
CA GLU A 29 -4.72 0.38 -7.96
C GLU A 29 -3.79 1.59 -7.97
N ASN A 30 -3.41 2.11 -6.80
CA ASN A 30 -2.41 3.17 -6.75
C ASN A 30 -1.00 2.62 -6.85
N TRP A 31 -0.85 1.34 -7.23
CA TRP A 31 0.41 0.64 -7.41
C TRP A 31 1.21 0.48 -6.13
N GLY A 32 0.58 0.67 -4.98
CA GLY A 32 1.17 0.25 -3.73
C GLY A 32 0.90 -1.23 -3.48
N HIS A 33 1.43 -1.70 -2.37
CA HIS A 33 1.21 -3.09 -1.95
C HIS A 33 0.78 -3.09 -0.49
N VAL A 34 -0.02 -4.09 -0.12
CA VAL A 34 -0.41 -4.33 1.26
C VAL A 34 0.06 -5.73 1.63
N PRO A 35 0.82 -5.90 2.70
CA PRO A 35 1.33 -7.24 3.04
C PRO A 35 0.35 -8.03 3.91
N SER A 36 0.54 -9.35 3.90
CA SER A 36 -0.20 -10.26 4.76
C SER A 36 0.74 -11.37 5.21
N ASN A 37 0.66 -11.72 6.48
CA ASN A 37 1.55 -12.72 7.07
C ASN A 37 0.80 -14.04 7.27
N GLY A 38 1.54 -15.13 7.12
CA GLY A 38 1.06 -16.45 7.49
C GLY A 38 2.21 -17.26 8.06
N LEU A 39 1.96 -18.51 8.43
CA LEU A 39 3.01 -19.34 9.00
C LEU A 39 3.12 -20.65 8.23
N ILE A 40 4.33 -21.17 8.17
CA ILE A 40 4.60 -22.56 7.81
C ILE A 40 5.31 -23.20 8.98
N VAL A 41 4.71 -24.26 9.53
CA VAL A 41 5.21 -24.91 10.74
C VAL A 41 5.63 -26.33 10.37
N GLU A 42 6.90 -26.63 10.58
CA GLU A 42 7.41 -27.97 10.30
C GLU A 42 6.82 -28.99 11.26
N LYS A 43 6.58 -30.19 10.74
CA LYS A 43 6.04 -31.29 11.54
C LYS A 43 6.58 -32.60 10.94
N GLY A 44 7.71 -33.06 11.48
CA GLY A 44 8.38 -34.21 10.93
C GLY A 44 8.89 -33.94 9.52
N ASP A 45 8.47 -34.76 8.57
CA ASP A 45 8.88 -34.62 7.19
C ASP A 45 7.96 -33.70 6.38
N PHE A 46 6.92 -33.17 7.00
CA PHE A 46 5.97 -32.31 6.28
C PHE A 46 5.76 -31.03 7.06
N SER A 47 4.79 -30.20 6.66
CA SER A 47 4.62 -28.89 7.28
C SER A 47 3.15 -28.49 7.27
N ILE A 48 2.81 -27.60 8.21
CA ILE A 48 1.45 -27.10 8.38
C ILE A 48 1.43 -25.65 7.93
N LEU A 49 0.41 -25.29 7.15
CA LEU A 49 0.26 -23.93 6.64
C LEU A 49 -0.83 -23.21 7.44
N VAL A 50 -0.49 -22.05 7.98
CA VAL A 50 -1.45 -21.18 8.63
C VAL A 50 -1.70 -20.01 7.68
N ASP A 51 -2.91 -19.96 7.12
CA ASP A 51 -3.34 -18.90 6.21
C ASP A 51 -2.66 -18.96 4.84
N THR A 52 -3.44 -18.69 3.80
CA THR A 52 -2.94 -18.66 2.44
C THR A 52 -2.35 -17.29 2.12
N ALA A 53 -1.97 -17.08 0.87
CA ALA A 53 -1.63 -15.76 0.38
C ALA A 53 -2.90 -15.07 -0.11
N TRP A 54 -2.75 -14.01 -0.90
CA TRP A 54 -3.93 -13.27 -1.35
C TRP A 54 -4.70 -14.01 -2.43
N ASP A 55 -4.03 -14.75 -3.30
CA ASP A 55 -4.68 -15.43 -4.41
C ASP A 55 -4.06 -16.80 -4.61
N ASP A 56 -4.57 -17.54 -5.59
CA ASP A 56 -4.07 -18.88 -5.88
C ASP A 56 -2.61 -18.89 -6.30
N PRO A 57 -2.16 -18.10 -7.29
CA PRO A 57 -0.76 -18.24 -7.72
C PRO A 57 0.26 -17.87 -6.64
N GLN A 58 -0.07 -16.92 -5.77
CA GLN A 58 0.83 -16.61 -4.65
C GLN A 58 0.83 -17.73 -3.63
N THR A 59 -0.33 -18.34 -3.37
CA THR A 59 -0.38 -19.53 -2.51
C THR A 59 0.35 -20.69 -3.17
N ALA A 60 0.31 -20.77 -4.51
CA ALA A 60 1.05 -21.81 -5.21
C ALA A 60 2.55 -21.65 -5.00
N GLN A 61 3.03 -20.41 -4.85
CA GLN A 61 4.43 -20.20 -4.51
C GLN A 61 4.77 -20.84 -3.16
N ILE A 62 3.89 -20.68 -2.18
CA ILE A 62 4.14 -21.23 -0.85
C ILE A 62 4.22 -22.75 -0.91
N ILE A 63 3.31 -23.38 -1.65
CA ILE A 63 3.33 -24.82 -1.83
C ILE A 63 4.65 -25.26 -2.45
N GLU A 64 5.06 -24.58 -3.52
CA GLU A 64 6.27 -24.96 -4.22
C GLU A 64 7.50 -24.73 -3.36
N TRP A 65 7.53 -23.63 -2.60
CA TRP A 65 8.65 -23.37 -1.71
C TRP A 65 8.77 -24.44 -0.63
N SER A 66 7.62 -24.90 -0.11
CA SER A 66 7.65 -25.92 0.93
C SER A 66 8.19 -27.26 0.40
N LYS A 67 8.03 -27.52 -0.89
CA LYS A 67 8.51 -28.75 -1.49
C LYS A 67 9.95 -28.63 -1.99
N ASP A 68 10.30 -27.52 -2.63
CA ASP A 68 11.60 -27.40 -3.28
C ASP A 68 12.69 -26.89 -2.35
N THR A 69 12.38 -25.92 -1.48
CA THR A 69 13.36 -25.33 -0.58
C THR A 69 13.31 -25.93 0.82
N LEU A 70 12.11 -25.98 1.42
CA LEU A 70 11.99 -26.53 2.76
C LEU A 70 12.17 -28.05 2.76
N LYS A 71 11.89 -28.70 1.62
CA LYS A 71 11.89 -30.17 1.51
C LYS A 71 10.97 -30.80 2.55
N LYS A 72 9.92 -30.07 2.93
CA LYS A 72 8.92 -30.54 3.88
C LYS A 72 7.56 -30.12 3.33
N PRO A 73 6.97 -30.91 2.43
CA PRO A 73 5.76 -30.46 1.73
C PRO A 73 4.62 -30.19 2.69
N ILE A 74 3.85 -29.14 2.39
CA ILE A 74 2.66 -28.84 3.17
C ILE A 74 1.64 -29.95 2.98
N ARG A 75 1.12 -30.47 4.10
CA ARG A 75 0.09 -31.48 4.06
C ARG A 75 -1.21 -31.05 4.74
N TRP A 76 -1.14 -30.06 5.64
CA TRP A 76 -2.33 -29.58 6.33
C TRP A 76 -2.33 -28.06 6.30
N ALA A 77 -3.53 -27.49 6.37
CA ALA A 77 -3.67 -26.04 6.36
C ALA A 77 -4.86 -25.65 7.21
N VAL A 78 -4.72 -24.52 7.90
CA VAL A 78 -5.80 -23.93 8.69
C VAL A 78 -5.81 -22.43 8.41
N PHE A 79 -7.00 -21.83 8.48
CA PHE A 79 -7.19 -20.43 8.17
C PHE A 79 -7.91 -19.76 9.33
N THR A 80 -7.55 -18.50 9.58
CA THR A 80 -7.98 -17.82 10.79
C THR A 80 -9.31 -17.09 10.64
N HIS A 81 -9.70 -16.70 9.42
CA HIS A 81 -11.06 -16.20 9.17
C HIS A 81 -11.27 -16.14 7.66
N ALA A 82 -12.51 -15.85 7.28
CA ALA A 82 -12.95 -15.95 5.89
C ALA A 82 -12.90 -14.59 5.20
N HIS A 83 -11.67 -14.10 5.04
CA HIS A 83 -11.36 -12.99 4.16
C HIS A 83 -10.29 -13.44 3.16
N ASP A 84 -10.11 -12.66 2.10
CA ASP A 84 -9.26 -13.13 1.00
C ASP A 84 -7.77 -13.08 1.31
N ASP A 85 -7.33 -12.40 2.37
CA ASP A 85 -5.93 -12.50 2.74
C ASP A 85 -5.63 -13.75 3.55
N LYS A 86 -6.66 -14.46 4.01
CA LYS A 86 -6.48 -15.69 4.76
C LYS A 86 -6.96 -16.92 4.01
N MET A 87 -8.03 -16.81 3.22
CA MET A 87 -8.56 -17.94 2.47
C MET A 87 -8.57 -17.69 0.97
N GLY A 88 -7.77 -16.74 0.50
CA GLY A 88 -7.79 -16.40 -0.92
C GLY A 88 -7.31 -17.51 -1.83
N GLY A 89 -6.45 -18.39 -1.31
CA GLY A 89 -5.89 -19.45 -2.13
C GLY A 89 -6.23 -20.84 -1.66
N VAL A 90 -7.43 -20.99 -1.08
CA VAL A 90 -7.85 -22.29 -0.56
C VAL A 90 -7.98 -23.30 -1.68
N ALA A 91 -8.50 -22.86 -2.84
CA ALA A 91 -8.71 -23.78 -3.95
C ALA A 91 -7.39 -24.40 -4.43
N ALA A 92 -6.32 -23.60 -4.43
CA ALA A 92 -5.01 -24.14 -4.84
C ALA A 92 -4.53 -25.22 -3.88
N LEU A 93 -4.88 -25.11 -2.60
CA LEU A 93 -4.50 -26.13 -1.64
C LEU A 93 -5.31 -27.41 -1.84
N ARG A 94 -6.64 -27.27 -1.97
CA ARG A 94 -7.49 -28.44 -2.14
C ARG A 94 -7.24 -29.15 -3.46
N GLN A 95 -6.77 -28.40 -4.47
CA GLN A 95 -6.35 -29.04 -5.72
C GLN A 95 -5.13 -29.93 -5.49
N GLN A 96 -4.21 -29.50 -4.65
CA GLN A 96 -2.99 -30.24 -4.35
C GLN A 96 -3.20 -31.34 -3.30
N GLY A 97 -4.44 -31.55 -2.86
CA GLY A 97 -4.71 -32.59 -1.89
C GLY A 97 -4.39 -32.24 -0.46
N ILE A 98 -4.22 -30.96 -0.14
CA ILE A 98 -3.95 -30.55 1.22
C ILE A 98 -5.21 -30.73 2.06
N VAL A 99 -5.04 -31.20 3.30
CA VAL A 99 -6.14 -31.28 4.24
C VAL A 99 -6.34 -29.91 4.87
N THR A 100 -7.51 -29.31 4.65
CA THR A 100 -7.77 -27.94 5.03
C THR A 100 -8.81 -27.88 6.15
N TYR A 101 -8.57 -26.99 7.11
CA TYR A 101 -9.47 -26.79 8.24
C TYR A 101 -9.80 -25.31 8.37
N ALA A 102 -11.00 -25.04 8.89
CA ALA A 102 -11.39 -23.70 9.27
C ALA A 102 -12.54 -23.79 10.27
N ALA A 103 -12.79 -22.68 10.96
CA ALA A 103 -13.94 -22.62 11.86
C ALA A 103 -15.22 -22.84 11.07
N ALA A 104 -16.20 -23.47 11.72
CA ALA A 104 -17.47 -23.76 11.04
C ALA A 104 -18.08 -22.49 10.48
N ASP A 105 -18.00 -21.40 11.24
CA ASP A 105 -18.52 -20.12 10.77
C ASP A 105 -17.73 -19.60 9.57
N SER A 106 -16.42 -19.84 9.54
CA SER A 106 -15.61 -19.39 8.41
C SER A 106 -15.98 -20.14 7.14
N ASN A 107 -16.31 -21.42 7.26
CA ASN A 107 -16.68 -22.21 6.09
C ASN A 107 -18.07 -21.85 5.58
N ARG A 108 -18.95 -21.39 6.47
CA ARG A 108 -20.31 -21.04 6.06
C ARG A 108 -20.35 -19.73 5.28
N MET A 109 -19.54 -18.76 5.67
CA MET A 109 -19.56 -17.43 5.07
C MET A 109 -18.50 -17.23 4.00
N ALA A 110 -17.74 -18.27 3.66
CA ALA A 110 -16.74 -18.18 2.61
C ALA A 110 -17.38 -18.06 1.23
N PRO A 111 -18.43 -18.84 0.91
CA PRO A 111 -19.10 -18.65 -0.40
C PRO A 111 -19.60 -17.24 -0.65
N GLN A 112 -20.18 -16.59 0.35
N GLN A 112 -20.19 -16.58 0.35
CA GLN A 112 -20.69 -15.23 0.18
CA GLN A 112 -20.68 -15.22 0.14
C GLN A 112 -19.55 -14.25 -0.10
C GLN A 112 -19.54 -14.24 -0.12
N ASN A 113 -18.40 -14.45 0.53
CA ASN A 113 -17.25 -13.57 0.34
C ASN A 113 -16.42 -13.94 -0.87
N GLY A 114 -16.95 -14.77 -1.77
CA GLY A 114 -16.22 -15.13 -2.98
C GLY A 114 -14.99 -15.97 -2.70
N LEU A 115 -15.06 -16.85 -1.71
CA LEU A 115 -13.92 -17.65 -1.28
C LEU A 115 -14.28 -19.13 -1.32
N THR A 116 -13.27 -19.95 -1.54
CA THR A 116 -13.46 -21.40 -1.47
C THR A 116 -13.42 -21.84 -0.02
N PRO A 117 -14.41 -22.59 0.45
CA PRO A 117 -14.41 -23.03 1.85
C PRO A 117 -13.36 -24.09 2.11
N ALA A 118 -13.02 -24.23 3.39
CA ALA A 118 -12.16 -25.33 3.79
C ALA A 118 -12.96 -26.64 3.78
N GLU A 119 -12.23 -27.76 3.75
CA GLU A 119 -12.88 -29.05 3.62
C GLU A 119 -13.46 -29.55 4.93
N HIS A 120 -12.82 -29.24 6.06
CA HIS A 120 -13.25 -29.74 7.36
C HIS A 120 -13.56 -28.57 8.29
N ASP A 121 -14.61 -28.74 9.09
CA ASP A 121 -14.89 -27.82 10.17
C ASP A 121 -14.07 -28.21 11.40
N LEU A 122 -13.44 -27.23 12.02
CA LEU A 122 -12.74 -27.49 13.28
C LEU A 122 -13.75 -27.84 14.37
N ILE A 123 -13.34 -28.75 15.26
CA ILE A 123 -14.17 -29.18 16.37
C ILE A 123 -13.46 -28.76 17.66
N PHE A 124 -13.99 -27.73 18.32
CA PHE A 124 -13.40 -27.21 19.54
C PHE A 124 -13.95 -27.91 20.76
N ASP A 125 -13.11 -28.03 21.79
CA ASP A 125 -13.54 -28.61 23.06
C ASP A 125 -14.15 -27.51 23.93
N SER A 126 -14.53 -27.88 25.15
CA SER A 126 -15.20 -26.93 26.05
C SER A 126 -14.28 -25.77 26.44
N GLU A 127 -12.98 -25.89 26.25
CA GLU A 127 -12.05 -24.79 26.48
C GLU A 127 -11.72 -24.03 25.20
N HIS A 128 -12.48 -24.25 24.13
CA HIS A 128 -12.35 -23.49 22.89
C HIS A 128 -10.99 -23.70 22.22
N SER A 129 -10.40 -24.87 22.41
CA SER A 129 -9.15 -25.24 21.77
C SER A 129 -9.31 -26.56 21.03
N THR A 130 -8.35 -26.83 20.15
CA THR A 130 -8.26 -28.12 19.48
C THR A 130 -6.79 -28.35 19.12
N SER A 131 -6.31 -29.57 19.39
CA SER A 131 -4.96 -29.98 19.03
C SER A 131 -4.93 -30.82 17.76
N VAL A 132 -5.92 -30.64 16.87
CA VAL A 132 -6.00 -31.43 15.65
C VAL A 132 -4.77 -31.24 14.78
N LEU A 133 -4.09 -30.10 14.92
CA LEU A 133 -2.87 -29.80 14.18
C LEU A 133 -1.70 -29.59 15.12
N HIS A 134 -1.58 -30.45 16.13
CA HIS A 134 -0.48 -30.38 17.08
C HIS A 134 0.85 -30.40 16.33
N PRO A 135 1.83 -29.58 16.72
CA PRO A 135 1.91 -28.81 17.96
C PRO A 135 1.18 -27.47 17.99
N LEU A 136 0.46 -27.11 16.92
CA LEU A 136 -0.36 -25.91 16.98
C LEU A 136 -1.48 -26.11 17.99
N VAL A 137 -1.77 -25.07 18.75
CA VAL A 137 -3.02 -24.98 19.49
C VAL A 137 -3.90 -23.98 18.76
N ILE A 138 -5.01 -24.45 18.21
CA ILE A 138 -5.98 -23.59 17.55
C ILE A 138 -7.03 -23.19 18.58
N PHE A 139 -7.17 -21.89 18.78
CA PHE A 139 -7.99 -21.34 19.86
C PHE A 139 -9.05 -20.41 19.29
N ASP A 140 -10.26 -20.51 19.83
CA ASP A 140 -11.39 -19.68 19.41
C ASP A 140 -11.71 -18.66 20.48
N PRO A 141 -11.34 -17.39 20.30
CA PRO A 141 -11.55 -16.38 21.35
C PRO A 141 -12.87 -15.64 21.27
N GLY A 142 -13.70 -15.90 20.27
CA GLY A 142 -14.94 -15.18 20.11
C GLY A 142 -14.82 -14.08 19.07
N PRO A 143 -15.93 -13.40 18.78
CA PRO A 143 -15.93 -12.39 17.73
C PRO A 143 -14.99 -11.23 18.06
N GLY A 144 -14.39 -10.67 17.02
CA GLY A 144 -13.50 -9.53 17.14
C GLY A 144 -13.38 -8.78 15.83
N HIS A 145 -12.28 -9.01 15.10
CA HIS A 145 -12.14 -8.43 13.77
C HIS A 145 -13.25 -8.91 12.85
N THR A 146 -13.59 -10.20 12.93
CA THR A 146 -14.78 -10.75 12.32
C THR A 146 -15.48 -11.64 13.36
N ARG A 147 -16.68 -12.10 13.01
CA ARG A 147 -17.41 -12.99 13.92
C ARG A 147 -16.71 -14.34 14.05
N ASP A 148 -15.94 -14.73 13.04
CA ASP A 148 -15.43 -16.09 12.95
C ASP A 148 -13.93 -16.21 13.20
N ASN A 149 -13.24 -15.12 13.54
CA ASN A 149 -11.78 -15.17 13.63
C ASN A 149 -11.33 -16.11 14.73
N ILE A 150 -10.28 -16.88 14.46
CA ILE A 150 -9.63 -17.75 15.42
C ILE A 150 -8.13 -17.43 15.39
N VAL A 151 -7.42 -17.91 16.40
CA VAL A 151 -5.98 -17.71 16.50
C VAL A 151 -5.27 -19.05 16.61
N VAL A 152 -3.97 -19.04 16.34
CA VAL A 152 -3.12 -20.23 16.43
C VAL A 152 -1.96 -19.90 17.35
N GLY A 153 -1.73 -20.75 18.34
CA GLY A 153 -0.62 -20.60 19.27
C GLY A 153 0.37 -21.74 19.11
N LEU A 154 1.64 -21.43 19.37
CA LEU A 154 2.72 -22.42 19.43
C LEU A 154 3.33 -22.33 20.83
N PRO A 155 2.65 -22.87 21.85
CA PRO A 155 3.10 -22.65 23.23
C PRO A 155 4.49 -23.19 23.52
N GLU A 156 4.88 -24.30 22.87
CA GLU A 156 6.21 -24.84 23.06
C GLU A 156 7.29 -23.85 22.63
N GLN A 157 7.01 -23.03 21.62
CA GLN A 157 7.97 -22.06 21.11
C GLN A 157 7.62 -20.63 21.50
N GLY A 158 6.55 -20.41 22.26
CA GLY A 158 6.20 -19.08 22.72
C GLY A 158 5.74 -18.13 21.63
N ILE A 159 5.01 -18.63 20.63
CA ILE A 159 4.56 -17.82 19.50
C ILE A 159 3.04 -17.85 19.44
N VAL A 160 2.43 -16.68 19.27
CA VAL A 160 1.01 -16.56 18.98
C VAL A 160 0.87 -15.87 17.63
N PHE A 161 0.11 -16.48 16.74
CA PHE A 161 -0.28 -15.86 15.47
C PHE A 161 -1.69 -15.33 15.65
N GLY A 162 -1.82 -14.03 15.84
CA GLY A 162 -3.11 -13.43 16.16
C GLY A 162 -4.00 -13.16 14.97
N GLY A 163 -3.44 -13.15 13.77
CA GLY A 163 -4.20 -12.80 12.59
C GLY A 163 -4.66 -11.36 12.64
N OCS A 164 -5.79 -11.07 12.03
CA OCS A 164 -6.34 -9.69 12.03
CB OCS A 164 -7.38 -9.55 10.92
SG OCS A 164 -6.58 -9.15 9.50
C OCS A 164 -6.96 -9.29 13.34
O OCS A 164 -7.35 -8.14 13.53
OD1 OCS A 164 -5.96 -10.37 8.95
OD2 OCS A 164 -7.55 -8.61 8.53
OD3 OCS A 164 -5.54 -8.15 9.81
N LEU A 165 -7.05 -10.24 14.26
CA LEU A 165 -7.57 -9.96 15.60
C LEU A 165 -6.60 -9.06 16.36
N ILE A 166 -5.31 -9.18 16.03
CA ILE A 166 -4.27 -8.35 16.63
C ILE A 166 -3.86 -7.30 15.61
N ARG A 167 -3.78 -6.05 16.05
CA ARG A 167 -3.46 -4.94 15.17
C ARG A 167 -1.95 -4.81 15.02
N PRO A 168 -1.49 -4.35 13.85
CA PRO A 168 -0.04 -4.16 13.65
C PRO A 168 0.53 -3.17 14.64
N SER A 169 1.82 -3.33 14.92
CA SER A 169 2.50 -2.38 15.80
C SER A 169 2.52 -0.99 15.16
N GLY A 170 2.31 0.04 15.98
CA GLY A 170 2.19 1.39 15.49
C GLY A 170 0.80 1.78 15.06
N SER A 171 -0.17 0.87 15.16
CA SER A 171 -1.53 1.17 14.73
C SER A 171 -2.18 2.18 15.67
N THR A 172 -2.93 3.12 15.08
CA THR A 172 -3.74 4.06 15.85
C THR A 172 -5.22 3.87 15.60
N SER A 173 -5.63 2.85 14.84
CA SER A 173 -7.03 2.56 14.58
C SER A 173 -7.19 1.04 14.46
N LEU A 174 -8.44 0.58 14.49
CA LEU A 174 -8.75 -0.83 14.35
C LEU A 174 -8.73 -1.30 12.90
N GLY A 175 -8.65 -0.38 11.93
CA GLY A 175 -8.63 -0.76 10.53
C GLY A 175 -10.00 -0.94 9.93
N ASN A 176 -10.14 -1.94 9.06
CA ASN A 176 -11.42 -2.28 8.46
C ASN A 176 -12.35 -2.86 9.53
N THR A 177 -13.40 -2.11 9.88
CA THR A 177 -14.33 -2.51 10.92
C THR A 177 -15.71 -2.86 10.39
N ALA A 178 -15.81 -3.13 9.08
CA ALA A 178 -17.12 -3.40 8.47
C ALA A 178 -17.76 -4.64 9.06
N ASP A 179 -16.98 -5.72 9.25
CA ASP A 179 -17.50 -6.98 9.74
C ASP A 179 -17.16 -7.23 11.20
N ALA A 180 -16.74 -6.21 11.93
CA ALA A 180 -16.19 -6.39 13.27
C ALA A 180 -17.29 -6.40 14.34
N ASP A 181 -16.93 -6.94 15.50
CA ASP A 181 -17.74 -6.90 16.71
C ASP A 181 -17.00 -5.99 17.69
N LEU A 182 -17.34 -4.71 17.66
CA LEU A 182 -16.64 -3.73 18.48
C LEU A 182 -16.85 -3.97 19.97
N ALA A 183 -18.03 -4.48 20.34
CA ALA A 183 -18.33 -4.70 21.75
C ALA A 183 -17.47 -5.81 22.34
N HIS A 184 -17.18 -6.85 21.55
CA HIS A 184 -16.51 -8.04 22.06
C HIS A 184 -15.03 -8.12 21.70
N TRP A 185 -14.54 -7.21 20.85
CA TRP A 185 -13.17 -7.34 20.34
C TRP A 185 -12.15 -7.35 21.47
N LYS A 186 -12.32 -6.47 22.47
CA LYS A 186 -11.37 -6.43 23.57
C LYS A 186 -11.39 -7.74 24.37
N THR A 187 -12.59 -8.28 24.61
CA THR A 187 -12.72 -9.54 25.33
C THR A 187 -11.97 -10.66 24.62
N ALA A 188 -12.04 -10.69 23.29
CA ALA A 188 -11.36 -11.74 22.53
C ALA A 188 -9.84 -11.58 22.62
N VAL A 189 -9.35 -10.35 22.53
CA VAL A 189 -7.91 -10.11 22.63
C VAL A 189 -7.39 -10.56 23.99
N LEU A 190 -8.10 -10.17 25.06
CA LEU A 190 -7.68 -10.55 26.40
C LEU A 190 -7.79 -12.05 26.63
N ALA A 191 -8.73 -12.72 25.95
CA ALA A 191 -8.84 -14.16 26.07
C ALA A 191 -7.64 -14.86 25.46
N VAL A 192 -7.11 -14.32 24.35
CA VAL A 192 -5.91 -14.87 23.74
C VAL A 192 -4.71 -14.66 24.66
N ALA A 193 -4.56 -13.46 25.20
CA ALA A 193 -3.44 -13.15 26.08
C ALA A 193 -3.45 -14.04 27.32
N GLN A 194 -4.65 -14.42 27.80
CA GLN A 194 -4.74 -15.25 28.98
C GLN A 194 -4.54 -16.73 28.65
N ARG A 195 -4.95 -17.16 27.45
CA ARG A 195 -4.75 -18.55 27.06
C ARG A 195 -3.26 -18.83 26.82
N PHE A 196 -2.56 -17.92 26.17
CA PHE A 196 -1.12 -18.04 25.94
C PHE A 196 -0.39 -16.98 26.75
N ALA A 197 -0.46 -17.12 28.07
CA ALA A 197 0.08 -16.12 28.99
C ALA A 197 1.60 -16.03 28.94
N GLU A 198 2.29 -17.05 28.42
CA GLU A 198 3.74 -17.07 28.42
C GLU A 198 4.36 -16.62 27.11
N ALA A 199 3.61 -16.68 26.00
CA ALA A 199 4.18 -16.39 24.69
C ALA A 199 4.64 -14.94 24.62
N GLN A 200 5.88 -14.74 24.18
CA GLN A 200 6.47 -13.41 24.05
C GLN A 200 6.56 -12.93 22.61
N GLN A 201 6.40 -13.81 21.63
CA GLN A 201 6.46 -13.45 20.22
C GLN A 201 5.05 -13.47 19.65
N ILE A 202 4.52 -12.30 19.31
CA ILE A 202 3.16 -12.13 18.84
C ILE A 202 3.21 -11.66 17.40
N ILE A 203 2.51 -12.38 16.52
CA ILE A 203 2.56 -12.13 15.09
C ILE A 203 1.18 -11.63 14.64
N PRO A 204 1.06 -10.38 14.21
CA PRO A 204 -0.19 -9.91 13.61
C PRO A 204 -0.22 -10.26 12.12
N SER A 205 -1.32 -9.90 11.47
CA SER A 205 -1.45 -10.20 10.05
C SER A 205 -0.63 -9.25 9.19
N HIS A 206 -0.42 -8.02 9.64
CA HIS A 206 0.29 -7.01 8.88
C HIS A 206 1.50 -6.52 9.67
N GLY A 207 2.63 -6.39 8.98
CA GLY A 207 3.81 -5.82 9.58
C GLY A 207 4.60 -6.81 10.42
N PRO A 208 5.58 -6.30 11.15
CA PRO A 208 6.54 -7.20 11.82
C PRO A 208 5.98 -7.84 13.08
N MET A 209 6.51 -9.02 13.37
CA MET A 209 6.27 -9.67 14.65
C MET A 209 6.81 -8.80 15.79
N ALA A 210 6.08 -8.76 16.89
CA ALA A 210 6.47 -7.97 18.06
C ALA A 210 6.14 -8.76 19.30
N GLY A 211 6.05 -8.08 20.44
CA GLY A 211 5.81 -8.70 21.72
C GLY A 211 4.38 -8.54 22.20
N ARG A 212 4.19 -8.76 23.50
CA ARG A 212 2.86 -8.72 24.10
C ARG A 212 2.27 -7.32 24.16
N GLU A 213 3.04 -6.28 23.83
CA GLU A 213 2.48 -4.94 23.75
C GLU A 213 1.43 -4.83 22.66
N LEU A 214 1.47 -5.72 21.65
CA LEU A 214 0.41 -5.77 20.66
C LEU A 214 -0.93 -6.10 21.29
N PHE A 215 -0.93 -6.88 22.37
CA PHE A 215 -2.17 -7.13 23.11
C PHE A 215 -2.69 -5.84 23.74
N GLU A 216 -1.81 -5.11 24.42
CA GLU A 216 -2.21 -3.83 25.01
C GLU A 216 -2.73 -2.87 23.95
N LEU A 217 -2.02 -2.77 22.83
CA LEU A 217 -2.42 -1.84 21.78
C LEU A 217 -3.83 -2.15 21.25
N THR A 218 -4.08 -3.42 20.93
CA THR A 218 -5.37 -3.79 20.37
C THR A 218 -6.48 -3.67 21.39
N ALA A 219 -6.21 -4.07 22.64
CA ALA A 219 -7.21 -3.97 23.69
C ALA A 219 -7.67 -2.53 23.89
N GLN A 220 -6.71 -1.60 23.89
CA GLN A 220 -7.04 -0.20 24.15
C GLN A 220 -7.71 0.44 22.94
N LEU A 221 -7.27 0.08 21.73
CA LEU A 221 -7.94 0.57 20.53
C LEU A 221 -9.37 0.03 20.42
N ALA A 222 -9.60 -1.21 20.85
CA ALA A 222 -10.94 -1.77 20.81
C ALA A 222 -11.83 -1.20 21.92
N GLU A 223 -11.26 -0.99 23.11
CA GLU A 223 -12.00 -0.38 24.19
C GLU A 223 -12.50 1.01 23.80
N LYS A 224 -11.61 1.83 23.24
CA LYS A 224 -11.97 3.18 22.84
C LYS A 224 -13.06 3.18 21.78
N ALA A 225 -13.03 2.21 20.86
CA ALA A 225 -14.03 2.15 19.81
C ALA A 225 -15.36 1.60 20.31
N SER A 226 -15.34 0.82 21.39
CA SER A 226 -16.57 0.21 21.89
C SER A 226 -17.45 1.20 22.63
N ILE A 227 -16.93 2.35 23.00
CA ILE A 227 -17.63 3.32 23.84
C ILE A 227 -18.26 4.39 22.95
N PRO A 228 -19.59 4.52 22.95
CA PRO A 228 -20.31 5.56 22.20
C PRO A 228 -20.27 6.91 22.90
N ALA B 3 13.68 -7.31 6.89
CA ALA B 3 12.81 -7.96 5.91
C ALA B 3 11.70 -7.02 5.45
N GLN B 4 10.84 -6.62 6.40
CA GLN B 4 9.77 -5.66 6.13
C GLN B 4 10.17 -4.30 6.69
N PRO B 5 10.88 -3.47 5.92
CA PRO B 5 11.33 -2.19 6.46
C PRO B 5 10.20 -1.19 6.52
N LYS B 6 10.21 -0.36 7.57
CA LYS B 6 9.20 0.67 7.70
C LYS B 6 9.45 1.82 6.72
N ASP B 7 10.71 2.24 6.60
CA ASP B 7 11.10 3.31 5.69
C ASP B 7 12.01 2.74 4.61
N VAL B 8 11.64 2.92 3.35
CA VAL B 8 12.42 2.48 2.21
C VAL B 8 12.99 3.69 1.50
N PRO B 9 14.25 3.68 1.08
CA PRO B 9 14.84 4.88 0.47
C PRO B 9 14.21 5.24 -0.87
N VAL B 10 14.27 6.54 -1.19
CA VAL B 10 13.75 7.04 -2.46
C VAL B 10 14.58 6.45 -3.60
N THR B 11 13.91 5.98 -4.64
CA THR B 11 14.56 5.40 -5.79
C THR B 11 14.56 6.38 -6.96
N PHE B 12 15.60 6.30 -7.79
CA PHE B 12 15.78 7.21 -8.91
C PHE B 12 15.96 6.40 -10.18
N THR B 13 15.24 6.80 -11.23
CA THR B 13 15.19 6.03 -12.48
C THR B 13 15.39 6.96 -13.66
N ALA B 14 16.33 6.62 -14.53
CA ALA B 14 16.54 7.37 -15.76
C ALA B 14 15.38 7.13 -16.71
N ILE B 15 14.78 8.22 -17.20
CA ILE B 15 13.64 8.15 -18.10
C ILE B 15 14.15 8.33 -19.53
N THR B 16 14.76 9.47 -19.79
CA THR B 16 15.55 9.71 -20.99
C THR B 16 16.76 10.53 -20.56
N GLN B 17 17.57 10.94 -21.54
CA GLN B 17 18.76 11.70 -21.22
C GLN B 17 18.39 13.02 -20.56
N GLY B 18 18.94 13.26 -19.37
CA GLY B 18 18.67 14.47 -18.63
C GLY B 18 17.36 14.50 -17.87
N VAL B 19 16.63 13.40 -17.81
CA VAL B 19 15.31 13.35 -17.18
C VAL B 19 15.28 12.12 -16.27
N TRP B 20 15.15 12.33 -14.97
CA TRP B 20 15.06 11.26 -13.99
C TRP B 20 13.70 11.30 -13.30
N MET B 21 13.24 10.12 -12.89
CA MET B 21 12.00 9.97 -12.13
C MET B 21 12.34 9.50 -10.72
N HIS B 22 11.86 10.22 -9.71
CA HIS B 22 12.03 9.82 -8.33
C HIS B 22 10.73 9.23 -7.79
N THR B 23 10.85 8.13 -7.06
CA THR B 23 9.70 7.43 -6.48
C THR B 23 9.94 7.26 -5.00
N SER B 24 8.99 7.73 -4.20
CA SER B 24 9.07 7.63 -2.74
C SER B 24 7.83 6.91 -2.22
N MET B 25 7.99 6.21 -1.10
CA MET B 25 6.93 5.39 -0.53
C MET B 25 6.45 6.01 0.79
N LYS B 26 5.14 6.07 0.97
CA LYS B 26 4.55 6.44 2.25
C LYS B 26 4.18 5.17 3.00
N HIS B 27 4.68 5.07 4.23
CA HIS B 27 4.32 3.95 5.08
C HIS B 27 2.89 4.12 5.58
N MET B 28 2.12 3.03 5.51
N MET B 28 2.12 3.03 5.52
CA MET B 28 0.73 3.00 5.96
CA MET B 28 0.74 3.02 5.96
C MET B 28 0.62 2.22 7.26
C MET B 28 0.60 2.18 7.22
N GLU B 29 -0.59 2.27 7.85
CA GLU B 29 -0.79 1.57 9.12
C GLU B 29 -0.87 0.07 8.95
N ASN B 30 -1.34 -0.42 7.80
CA ASN B 30 -1.29 -1.84 7.53
C ASN B 30 0.10 -2.30 7.08
N TRP B 31 1.10 -1.43 7.23
CA TRP B 31 2.48 -1.65 6.83
C TRP B 31 2.66 -1.85 5.34
N GLY B 32 1.65 -1.48 4.55
CA GLY B 32 1.83 -1.34 3.13
C GLY B 32 2.57 -0.06 2.81
N HIS B 33 2.80 0.15 1.51
CA HIS B 33 3.47 1.35 1.04
C HIS B 33 2.71 1.89 -0.17
N VAL B 34 2.68 3.21 -0.31
CA VAL B 34 2.03 3.88 -1.42
C VAL B 34 3.07 4.72 -2.15
N PRO B 35 3.33 4.46 -3.43
CA PRO B 35 4.36 5.20 -4.15
C PRO B 35 3.87 6.52 -4.72
N SER B 36 4.82 7.40 -5.01
CA SER B 36 4.53 8.69 -5.63
C SER B 36 5.72 9.07 -6.50
N ASN B 37 5.44 9.51 -7.72
CA ASN B 37 6.47 9.83 -8.70
C ASN B 37 6.66 11.34 -8.81
N GLY B 38 7.90 11.75 -9.04
CA GLY B 38 8.22 13.11 -9.42
C GLY B 38 9.32 13.10 -10.46
N LEU B 39 9.84 14.25 -10.84
CA LEU B 39 10.89 14.32 -11.85
C LEU B 39 12.04 15.17 -11.37
N ILE B 40 13.24 14.83 -11.86
CA ILE B 40 14.41 15.68 -11.77
C ILE B 40 14.91 15.89 -13.18
N VAL B 41 14.97 17.14 -13.62
CA VAL B 41 15.31 17.49 -15.00
C VAL B 41 16.61 18.29 -14.98
N GLU B 42 17.60 17.79 -15.70
CA GLU B 42 18.89 18.45 -15.77
C GLU B 42 18.79 19.74 -16.58
N LYS B 43 19.47 20.78 -16.10
CA LYS B 43 19.51 22.09 -16.76
C LYS B 43 20.92 22.64 -16.58
N GLY B 44 21.79 22.36 -17.55
CA GLY B 44 23.17 22.78 -17.44
C GLY B 44 23.86 22.05 -16.30
N ASP B 45 24.42 22.82 -15.37
CA ASP B 45 25.09 22.26 -14.20
C ASP B 45 24.17 22.06 -13.00
N PHE B 46 22.88 22.37 -13.14
CA PHE B 46 21.94 22.19 -12.04
C PHE B 46 20.70 21.47 -12.53
N SER B 47 19.68 21.34 -11.68
CA SER B 47 18.53 20.53 -12.06
C SER B 47 17.25 21.13 -11.50
N ILE B 48 16.13 20.78 -12.13
CA ILE B 48 14.80 21.25 -11.73
C ILE B 48 14.04 20.07 -11.14
N LEU B 49 13.43 20.29 -9.99
CA LEU B 49 12.65 19.26 -9.30
C LEU B 49 11.17 19.49 -9.55
N VAL B 50 10.49 18.46 -10.04
CA VAL B 50 9.04 18.48 -10.18
C VAL B 50 8.48 17.60 -9.06
N ASP B 51 7.78 18.24 -8.12
CA ASP B 51 7.15 17.58 -6.98
C ASP B 51 8.14 17.05 -5.96
N THR B 52 7.77 17.15 -4.67
CA THR B 52 8.58 16.63 -3.59
C THR B 52 8.26 15.16 -3.36
N ALA B 53 8.85 14.60 -2.31
CA ALA B 53 8.45 13.29 -1.81
C ALA B 53 7.32 13.49 -0.81
N TRP B 54 7.04 12.47 0.00
CA TRP B 54 5.91 12.55 0.92
C TRP B 54 6.21 13.48 2.09
N ASP B 55 7.45 13.47 2.60
CA ASP B 55 7.80 14.24 3.78
C ASP B 55 9.15 14.92 3.56
N ASP B 56 9.56 15.72 4.54
CA ASP B 56 10.84 16.42 4.44
C ASP B 56 12.04 15.49 4.33
N PRO B 57 12.22 14.47 5.18
CA PRO B 57 13.45 13.66 5.07
C PRO B 57 13.57 12.91 3.75
N GLN B 58 12.45 12.43 3.20
CA GLN B 58 12.50 11.79 1.89
C GLN B 58 12.84 12.80 0.79
N THR B 59 12.29 14.02 0.90
CA THR B 59 12.71 15.08 -0.01
C THR B 59 14.17 15.43 0.19
N ALA B 60 14.66 15.36 1.44
CA ALA B 60 16.06 15.63 1.70
C ALA B 60 16.96 14.61 1.01
N GLN B 61 16.48 13.37 0.86
CA GLN B 61 17.22 12.38 0.08
C GLN B 61 17.37 12.81 -1.38
N ILE B 62 16.31 13.41 -1.95
CA ILE B 62 16.36 13.83 -3.34
C ILE B 62 17.36 14.97 -3.52
N ILE B 63 17.33 15.94 -2.60
CA ILE B 63 18.28 17.04 -2.63
C ILE B 63 19.71 16.51 -2.57
N GLU B 64 19.95 15.56 -1.67
CA GLU B 64 21.31 15.05 -1.48
C GLU B 64 21.74 14.19 -2.65
N TRP B 65 20.82 13.41 -3.22
CA TRP B 65 21.14 12.62 -4.39
C TRP B 65 21.49 13.49 -5.58
N SER B 66 20.81 14.64 -5.71
CA SER B 66 21.11 15.55 -6.82
C SER B 66 22.48 16.18 -6.66
N LYS B 67 22.97 16.34 -5.43
CA LYS B 67 24.28 16.92 -5.22
C LYS B 67 25.39 15.88 -5.32
N ASP B 68 25.18 14.69 -4.76
CA ASP B 68 26.25 13.71 -4.63
C ASP B 68 26.34 12.76 -5.82
N THR B 69 25.21 12.23 -6.29
CA THR B 69 25.21 11.27 -7.39
C THR B 69 25.07 11.95 -8.75
N LEU B 70 24.07 12.82 -8.89
CA LEU B 70 23.84 13.49 -10.16
C LEU B 70 24.91 14.54 -10.45
N LYS B 71 25.53 15.10 -9.40
CA LYS B 71 26.45 16.22 -9.52
C LYS B 71 25.80 17.41 -10.23
N LYS B 72 24.49 17.57 -10.03
CA LYS B 72 23.72 18.67 -10.59
C LYS B 72 22.71 19.10 -9.54
N PRO B 73 23.11 19.97 -8.61
CA PRO B 73 22.23 20.28 -7.47
C PRO B 73 20.92 20.91 -7.91
N ILE B 74 19.84 20.54 -7.21
CA ILE B 74 18.54 21.13 -7.48
C ILE B 74 18.57 22.61 -7.08
N ARG B 75 18.19 23.48 -8.01
CA ARG B 75 18.09 24.91 -7.74
C ARG B 75 16.67 25.45 -7.89
N TRP B 76 15.78 24.76 -8.61
CA TRP B 76 14.41 25.20 -8.79
C TRP B 76 13.48 24.02 -8.56
N ALA B 77 12.24 24.33 -8.18
CA ALA B 77 11.25 23.30 -7.93
C ALA B 77 9.86 23.82 -8.28
N VAL B 78 9.02 22.93 -8.79
CA VAL B 78 7.63 23.22 -9.11
C VAL B 78 6.78 22.05 -8.62
N PHE B 79 5.54 22.35 -8.24
CA PHE B 79 4.65 21.37 -7.65
C PHE B 79 3.31 21.41 -8.37
N THR B 80 2.71 20.24 -8.56
CA THR B 80 1.53 20.13 -9.43
C THR B 80 0.22 20.40 -8.71
N HIS B 81 0.14 20.17 -7.40
CA HIS B 81 -1.03 20.61 -6.63
C HIS B 81 -0.69 20.50 -5.15
N ALA B 82 -1.62 20.97 -4.32
CA ALA B 82 -1.38 21.12 -2.88
C ALA B 82 -1.94 19.92 -2.12
N HIS B 83 -1.31 18.78 -2.33
CA HIS B 83 -1.48 17.59 -1.52
C HIS B 83 -0.13 17.15 -1.00
N ASP B 84 -0.14 16.26 -0.01
CA ASP B 84 1.09 15.93 0.69
C ASP B 84 2.07 15.11 -0.15
N ASP B 85 1.61 14.42 -1.19
CA ASP B 85 2.54 13.67 -2.02
C ASP B 85 3.22 14.53 -3.07
N LYS B 86 2.82 15.79 -3.19
CA LYS B 86 3.45 16.73 -4.12
C LYS B 86 4.16 17.88 -3.42
N MET B 87 3.62 18.36 -2.29
CA MET B 87 4.21 19.49 -1.57
C MET B 87 4.56 19.12 -0.13
N GLY B 88 4.71 17.83 0.17
CA GLY B 88 4.99 17.41 1.54
C GLY B 88 6.35 17.82 2.06
N GLY B 89 7.28 18.15 1.16
CA GLY B 89 8.61 18.52 1.58
C GLY B 89 9.06 19.88 1.08
N VAL B 90 8.11 20.80 0.89
CA VAL B 90 8.43 22.13 0.41
C VAL B 90 9.33 22.86 1.41
N ALA B 91 9.11 22.62 2.70
CA ALA B 91 9.92 23.29 3.72
C ALA B 91 11.39 22.93 3.60
N ALA B 92 11.69 21.67 3.31
CA ALA B 92 13.08 21.26 3.15
C ALA B 92 13.72 21.92 1.93
N LEU B 93 12.95 22.14 0.86
CA LEU B 93 13.48 22.84 -0.30
C LEU B 93 13.75 24.31 0.02
N ARG B 94 12.87 24.93 0.80
CA ARG B 94 13.05 26.34 1.15
C ARG B 94 14.21 26.55 2.11
N GLN B 95 14.47 25.58 3.00
CA GLN B 95 15.61 25.71 3.90
C GLN B 95 16.93 25.66 3.14
N GLN B 96 16.94 25.02 1.96
CA GLN B 96 18.13 24.91 1.14
C GLN B 96 18.29 26.05 0.15
N GLY B 97 17.40 27.05 0.19
CA GLY B 97 17.47 28.17 -0.73
C GLY B 97 16.98 27.88 -2.13
N ILE B 98 16.31 26.75 -2.35
CA ILE B 98 15.83 26.40 -3.68
C ILE B 98 14.63 27.26 -4.02
N VAL B 99 14.60 27.78 -5.25
CA VAL B 99 13.52 28.63 -5.71
C VAL B 99 12.32 27.73 -6.05
N THR B 100 11.18 27.99 -5.41
CA THR B 100 10.01 27.13 -5.52
C THR B 100 8.86 27.88 -6.17
N TYR B 101 8.12 27.16 -7.03
CA TYR B 101 6.97 27.70 -7.73
C TYR B 101 5.78 26.78 -7.57
N ALA B 102 4.58 27.36 -7.62
CA ALA B 102 3.34 26.60 -7.67
C ALA B 102 2.24 27.51 -8.16
N ALA B 103 1.14 26.91 -8.60
CA ALA B 103 -0.03 27.67 -9.02
C ALA B 103 -0.52 28.54 -7.87
N ALA B 104 -1.06 29.71 -8.22
CA ALA B 104 -1.57 30.64 -7.21
C ALA B 104 -2.53 29.94 -6.27
N ASP B 105 -3.45 29.16 -6.83
CA ASP B 105 -4.42 28.43 -6.02
C ASP B 105 -3.75 27.37 -5.15
N SER B 106 -2.68 26.76 -5.66
CA SER B 106 -1.96 25.76 -4.86
C SER B 106 -1.33 26.41 -3.62
N ASN B 107 -0.90 27.66 -3.74
CA ASN B 107 -0.27 28.36 -2.62
C ASN B 107 -1.29 28.91 -1.64
N ARG B 108 -2.46 29.32 -2.12
CA ARG B 108 -3.53 29.70 -1.20
C ARG B 108 -4.04 28.50 -0.41
N MET B 109 -4.03 27.32 -1.04
CA MET B 109 -4.63 26.12 -0.47
C MET B 109 -3.69 25.35 0.45
N ALA B 110 -2.39 25.66 0.45
CA ALA B 110 -1.42 24.78 1.11
C ALA B 110 -1.46 24.89 2.63
N PRO B 111 -1.43 26.09 3.25
CA PRO B 111 -1.47 26.13 4.72
C PRO B 111 -2.73 25.52 5.32
N GLN B 112 -3.83 25.49 4.57
N GLN B 112 -3.83 25.50 4.57
CA GLN B 112 -5.05 24.87 5.10
CA GLN B 112 -5.06 24.89 5.07
C GLN B 112 -4.94 23.35 5.11
C GLN B 112 -4.94 23.37 5.11
N ASN B 113 -4.14 22.78 4.21
CA ASN B 113 -3.93 21.34 4.15
C ASN B 113 -2.65 20.90 4.86
N GLY B 114 -2.17 21.70 5.80
CA GLY B 114 -0.99 21.33 6.56
C GLY B 114 0.29 21.28 5.75
N LEU B 115 0.38 22.07 4.68
CA LEU B 115 1.54 22.09 3.82
C LEU B 115 2.19 23.46 3.84
N THR B 116 3.50 23.49 3.57
CA THR B 116 4.20 24.75 3.39
C THR B 116 4.01 25.23 1.96
N PRO B 117 3.61 26.49 1.76
CA PRO B 117 3.38 26.97 0.39
C PRO B 117 4.70 27.17 -0.36
N ALA B 118 4.57 27.26 -1.68
CA ALA B 118 5.72 27.61 -2.50
C ALA B 118 5.99 29.11 -2.38
N GLU B 119 7.20 29.50 -2.78
CA GLU B 119 7.62 30.88 -2.58
C GLU B 119 7.04 31.80 -3.65
N HIS B 120 6.90 31.32 -4.88
CA HIS B 120 6.45 32.13 -6.00
C HIS B 120 5.18 31.56 -6.61
N ASP B 121 4.27 32.43 -7.01
CA ASP B 121 3.10 32.03 -7.78
C ASP B 121 3.47 32.01 -9.26
N LEU B 122 3.11 30.91 -9.93
CA LEU B 122 3.32 30.84 -11.37
C LEU B 122 2.44 31.87 -12.07
N ILE B 123 2.98 32.48 -13.12
CA ILE B 123 2.24 33.44 -13.94
C ILE B 123 2.05 32.80 -15.31
N PHE B 124 0.81 32.50 -15.66
CA PHE B 124 0.50 31.82 -16.90
C PHE B 124 0.13 32.84 -17.98
N ASP B 125 0.37 32.45 -19.23
CA ASP B 125 0.08 33.33 -20.36
C ASP B 125 -1.34 33.07 -20.85
N SER B 126 -1.71 33.71 -21.96
CA SER B 126 -3.06 33.57 -22.49
C SER B 126 -3.37 32.13 -22.86
N GLU B 127 -2.37 31.34 -23.23
CA GLU B 127 -2.55 29.93 -23.55
C GLU B 127 -2.27 29.03 -22.36
N HIS B 128 -2.30 29.57 -21.14
CA HIS B 128 -2.23 28.79 -19.91
C HIS B 128 -0.92 28.01 -19.78
N SER B 129 0.15 28.56 -20.33
CA SER B 129 1.48 27.98 -20.23
C SER B 129 2.44 29.01 -19.65
N THR B 130 3.59 28.53 -19.19
CA THR B 130 4.69 29.38 -18.76
C THR B 130 5.99 28.63 -18.98
N SER B 131 7.00 29.34 -19.48
CA SER B 131 8.33 28.77 -19.68
C SER B 131 9.32 29.25 -18.62
N VAL B 132 8.84 29.62 -17.45
CA VAL B 132 9.71 30.12 -16.37
C VAL B 132 10.76 29.09 -16.00
N LEU B 133 10.47 27.81 -16.21
CA LEU B 133 11.38 26.72 -15.91
C LEU B 133 11.76 25.96 -17.17
N HIS B 134 11.96 26.68 -18.27
CA HIS B 134 12.35 26.06 -19.53
C HIS B 134 13.56 25.17 -19.32
N PRO B 135 13.64 24.00 -19.98
CA PRO B 135 12.81 23.47 -21.06
C PRO B 135 11.48 22.87 -20.62
N LEU B 136 11.15 22.94 -19.34
CA LEU B 136 9.81 22.56 -18.90
C LEU B 136 8.78 23.51 -19.49
N VAL B 137 7.66 22.95 -19.93
CA VAL B 137 6.45 23.73 -20.18
C VAL B 137 5.47 23.40 -19.07
N ILE B 138 5.15 24.40 -18.25
CA ILE B 138 4.19 24.24 -17.18
C ILE B 138 2.84 24.70 -17.71
N PHE B 139 1.87 23.79 -17.71
CA PHE B 139 0.58 24.01 -18.35
C PHE B 139 -0.54 23.89 -17.32
N ASP B 140 -1.51 24.78 -17.40
CA ASP B 140 -2.66 24.77 -16.52
C ASP B 140 -3.89 24.32 -17.29
N PRO B 141 -4.38 23.10 -17.07
CA PRO B 141 -5.51 22.58 -17.85
C PRO B 141 -6.89 22.79 -17.23
N GLY B 142 -6.96 23.45 -16.07
CA GLY B 142 -8.21 23.59 -15.37
C GLY B 142 -8.38 22.51 -14.32
N PRO B 143 -9.43 22.64 -13.51
CA PRO B 143 -9.64 21.69 -12.41
C PRO B 143 -9.92 20.28 -12.90
N GLY B 144 -9.51 19.30 -12.10
CA GLY B 144 -9.72 17.90 -12.38
C GLY B 144 -9.60 17.06 -11.12
N HIS B 145 -8.41 16.52 -10.85
CA HIS B 145 -8.19 15.81 -9.59
C HIS B 145 -8.35 16.75 -8.40
N THR B 146 -7.85 17.97 -8.52
CA THR B 146 -8.14 19.06 -7.60
C THR B 146 -8.41 20.32 -8.43
N ARG B 147 -8.94 21.34 -7.76
CA ARG B 147 -9.22 22.61 -8.42
C ARG B 147 -7.96 23.28 -8.95
N ASP B 148 -6.79 22.92 -8.41
CA ASP B 148 -5.56 23.67 -8.68
C ASP B 148 -4.51 22.90 -9.46
N ASN B 149 -4.78 21.67 -9.86
CA ASN B 149 -3.73 20.84 -10.45
C ASN B 149 -3.23 21.42 -11.76
N ILE B 150 -1.92 21.34 -11.97
CA ILE B 150 -1.26 21.72 -13.21
C ILE B 150 -0.40 20.54 -13.66
N VAL B 151 0.08 20.60 -14.90
CA VAL B 151 0.92 19.56 -15.47
C VAL B 151 2.21 20.18 -15.99
N VAL B 152 3.19 19.30 -16.23
CA VAL B 152 4.51 19.69 -16.73
C VAL B 152 4.80 18.84 -17.96
N GLY B 153 5.19 19.49 -19.05
CA GLY B 153 5.55 18.80 -20.27
C GLY B 153 6.99 19.07 -20.67
N LEU B 154 7.61 18.08 -21.30
CA LEU B 154 8.94 18.20 -21.89
C LEU B 154 8.79 17.88 -23.38
N PRO B 155 8.24 18.81 -24.17
CA PRO B 155 7.94 18.49 -25.58
C PRO B 155 9.17 18.16 -26.40
N GLU B 156 10.33 18.71 -26.06
CA GLU B 156 11.55 18.34 -26.79
C GLU B 156 11.86 16.85 -26.64
N GLN B 157 11.49 16.26 -25.50
CA GLN B 157 11.74 14.85 -25.23
C GLN B 157 10.48 14.01 -25.29
N GLY B 158 9.33 14.59 -25.60
CA GLY B 158 8.09 13.84 -25.71
C GLY B 158 7.61 13.25 -24.39
N ILE B 159 7.73 13.99 -23.30
CA ILE B 159 7.35 13.52 -21.97
C ILE B 159 6.33 14.48 -21.37
N VAL B 160 5.23 13.93 -20.88
CA VAL B 160 4.26 14.67 -20.08
C VAL B 160 4.25 14.07 -18.69
N PHE B 161 4.35 14.92 -17.67
CA PHE B 161 4.15 14.51 -16.29
C PHE B 161 2.76 14.97 -15.88
N GLY B 162 1.82 14.04 -15.81
CA GLY B 162 0.44 14.37 -15.57
C GLY B 162 0.05 14.54 -14.11
N GLY B 163 0.89 14.09 -13.18
CA GLY B 163 0.55 14.14 -11.78
C GLY B 163 -0.68 13.30 -11.50
N OCS B 164 -1.47 13.71 -10.50
CA OCS B 164 -2.71 12.97 -10.16
CB OCS B 164 -3.16 13.35 -8.76
SG OCS B 164 -2.29 12.47 -7.66
C OCS B 164 -3.83 13.20 -11.13
O OCS B 164 -4.89 12.59 -11.02
OD1 OCS B 164 -0.90 13.01 -7.56
OD2 OCS B 164 -2.92 12.55 -6.32
OD3 OCS B 164 -2.25 11.06 -8.11
N LEU B 165 -3.61 14.10 -12.08
CA LEU B 165 -4.62 14.37 -13.12
C LEU B 165 -4.76 13.17 -14.04
N ILE B 166 -3.67 12.41 -14.18
CA ILE B 166 -3.66 11.20 -14.99
C ILE B 166 -3.67 10.01 -14.05
N ARG B 167 -4.56 9.06 -14.33
CA ARG B 167 -4.70 7.89 -13.48
C ARG B 167 -3.67 6.83 -13.86
N PRO B 168 -3.22 6.03 -12.89
CA PRO B 168 -2.27 4.95 -13.20
C PRO B 168 -2.86 3.97 -14.20
N SER B 169 -1.97 3.31 -14.94
CA SER B 169 -2.40 2.26 -15.85
C SER B 169 -3.00 1.10 -15.07
N GLY B 170 -4.09 0.55 -15.59
CA GLY B 170 -4.83 -0.48 -14.90
C GLY B 170 -5.89 0.03 -13.96
N SER B 171 -6.03 1.34 -13.83
CA SER B 171 -7.03 1.91 -12.94
C SER B 171 -8.42 1.64 -13.46
N THR B 172 -9.35 1.35 -12.54
CA THR B 172 -10.76 1.23 -12.87
C THR B 172 -11.61 2.26 -12.13
N SER B 173 -10.97 3.20 -11.41
CA SER B 173 -11.67 4.26 -10.71
C SER B 173 -10.81 5.51 -10.75
N LEU B 174 -11.42 6.64 -10.33
CA LEU B 174 -10.70 7.91 -10.29
C LEU B 174 -9.88 8.10 -9.02
N GLY B 175 -9.99 7.18 -8.06
CA GLY B 175 -9.20 7.25 -6.85
C GLY B 175 -9.80 8.13 -5.77
N ASN B 176 -8.95 8.93 -5.12
CA ASN B 176 -9.42 9.89 -4.13
C ASN B 176 -10.18 11.02 -4.84
N THR B 177 -11.51 11.02 -4.70
CA THR B 177 -12.37 11.95 -5.40
C THR B 177 -12.92 13.05 -4.50
N ALA B 178 -12.36 13.21 -3.30
CA ALA B 178 -12.95 14.12 -2.32
C ALA B 178 -12.88 15.57 -2.78
N ASP B 179 -11.74 15.98 -3.37
CA ASP B 179 -11.53 17.36 -3.77
C ASP B 179 -11.60 17.56 -5.27
N ALA B 180 -12.17 16.60 -6.00
CA ALA B 180 -12.11 16.62 -7.45
C ALA B 180 -13.23 17.46 -8.06
N ASP B 181 -13.03 17.83 -9.31
CA ASP B 181 -14.05 18.48 -10.15
C ASP B 181 -14.45 17.43 -11.19
N LEU B 182 -15.47 16.64 -10.85
CA LEU B 182 -15.89 15.54 -11.73
C LEU B 182 -16.39 16.04 -13.07
N ALA B 183 -17.02 17.23 -13.08
CA ALA B 183 -17.57 17.76 -14.33
C ALA B 183 -16.47 18.14 -15.31
N HIS B 184 -15.37 18.74 -14.81
CA HIS B 184 -14.35 19.31 -15.68
C HIS B 184 -13.16 18.38 -15.90
N TRP B 185 -13.06 17.27 -15.15
CA TRP B 185 -11.86 16.45 -15.19
C TRP B 185 -11.54 15.97 -16.60
N LYS B 186 -12.55 15.50 -17.34
CA LYS B 186 -12.30 15.02 -18.69
C LYS B 186 -11.80 16.14 -19.59
N THR B 187 -12.39 17.33 -19.47
CA THR B 187 -11.94 18.48 -20.26
C THR B 187 -10.48 18.80 -20.00
N ALA B 188 -10.03 18.72 -18.74
CA ALA B 188 -8.64 19.01 -18.44
C ALA B 188 -7.71 17.95 -19.01
N VAL B 189 -8.09 16.67 -18.94
CA VAL B 189 -7.27 15.61 -19.52
C VAL B 189 -7.11 15.83 -21.01
N LEU B 190 -8.22 16.10 -21.71
CA LEU B 190 -8.16 16.31 -23.15
C LEU B 190 -7.39 17.57 -23.51
N ALA B 191 -7.39 18.57 -22.62
CA ALA B 191 -6.61 19.77 -22.88
C ALA B 191 -5.11 19.47 -22.80
N VAL B 192 -4.71 18.59 -21.88
CA VAL B 192 -3.31 18.18 -21.80
C VAL B 192 -2.93 17.38 -23.04
N ALA B 193 -3.78 16.42 -23.42
CA ALA B 193 -3.50 15.62 -24.61
C ALA B 193 -3.40 16.48 -25.87
N GLN B 194 -4.14 17.58 -25.91
CA GLN B 194 -4.10 18.45 -27.08
C GLN B 194 -2.89 19.38 -27.04
N ARG B 195 -2.55 19.91 -25.87
CA ARG B 195 -1.39 20.78 -25.75
C ARG B 195 -0.10 20.03 -26.07
N PHE B 196 0.03 18.79 -25.62
CA PHE B 196 1.21 17.98 -25.92
C PHE B 196 0.84 16.82 -26.84
N ALA B 197 0.44 17.14 -28.07
CA ALA B 197 -0.10 16.16 -28.99
C ALA B 197 0.92 15.12 -29.43
N GLU B 198 2.21 15.43 -29.37
CA GLU B 198 3.23 14.51 -29.88
C GLU B 198 3.85 13.64 -28.82
N ALA B 199 3.72 14.00 -27.54
CA ALA B 199 4.37 13.26 -26.48
C ALA B 199 3.83 11.83 -26.40
N GLN B 200 4.74 10.87 -26.32
CA GLN B 200 4.39 9.45 -26.26
C GLN B 200 4.68 8.82 -24.91
N GLN B 201 5.38 9.52 -24.01
CA GLN B 201 5.73 8.99 -22.69
C GLN B 201 4.97 9.81 -21.64
N ILE B 202 3.94 9.20 -21.07
CA ILE B 202 3.04 9.86 -20.12
C ILE B 202 3.33 9.29 -18.74
N ILE B 203 3.62 10.18 -17.78
CA ILE B 203 4.01 9.78 -16.44
C ILE B 203 2.87 10.16 -15.48
N PRO B 204 2.19 9.19 -14.87
CA PRO B 204 1.22 9.53 -13.82
C PRO B 204 1.90 9.66 -12.47
N SER B 205 1.14 10.00 -11.43
CA SER B 205 1.72 10.14 -10.10
C SER B 205 1.98 8.80 -9.43
N HIS B 206 1.23 7.76 -9.78
CA HIS B 206 1.40 6.44 -9.19
C HIS B 206 1.64 5.42 -10.29
N GLY B 207 2.59 4.52 -10.05
CA GLY B 207 2.84 3.44 -10.97
C GLY B 207 3.76 3.83 -12.11
N PRO B 208 3.91 2.93 -13.07
CA PRO B 208 4.92 3.11 -14.11
C PRO B 208 4.51 4.10 -15.18
N MET B 209 5.52 4.71 -15.81
CA MET B 209 5.32 5.49 -17.02
C MET B 209 4.68 4.63 -18.10
N ALA B 210 3.83 5.24 -18.91
CA ALA B 210 3.15 4.52 -19.98
C ALA B 210 2.93 5.49 -21.14
N GLY B 211 2.08 5.10 -22.09
CA GLY B 211 1.84 5.87 -23.28
C GLY B 211 0.60 6.72 -23.22
N ARG B 212 0.13 7.15 -24.39
CA ARG B 212 -1.03 8.04 -24.47
C ARG B 212 -2.34 7.34 -24.14
N GLU B 213 -2.34 6.01 -23.98
CA GLU B 213 -3.56 5.32 -23.57
C GLU B 213 -3.97 5.72 -22.15
N LEU B 214 -3.04 6.29 -21.37
CA LEU B 214 -3.40 6.86 -20.08
C LEU B 214 -4.36 8.02 -20.23
N PHE B 215 -4.25 8.79 -21.33
CA PHE B 215 -5.22 9.84 -21.61
C PHE B 215 -6.61 9.23 -21.83
N GLU B 216 -6.69 8.19 -22.65
CA GLU B 216 -7.96 7.53 -22.91
C GLU B 216 -8.56 6.99 -21.62
N LEU B 217 -7.75 6.33 -20.80
CA LEU B 217 -8.24 5.70 -19.58
C LEU B 217 -8.84 6.74 -18.63
N THR B 218 -8.12 7.83 -18.39
CA THR B 218 -8.61 8.84 -17.45
C THR B 218 -9.82 9.57 -18.01
N ALA B 219 -9.81 9.86 -19.30
CA ALA B 219 -10.95 10.55 -19.92
C ALA B 219 -12.22 9.72 -19.80
N GLN B 220 -12.11 8.40 -20.00
CA GLN B 220 -13.29 7.55 -19.95
C GLN B 220 -13.76 7.33 -18.51
N LEU B 221 -12.81 7.20 -17.58
CA LEU B 221 -13.18 7.09 -16.17
C LEU B 221 -13.82 8.37 -15.65
N ALA B 222 -13.33 9.54 -16.09
CA ALA B 222 -13.94 10.79 -15.67
C ALA B 222 -15.30 11.00 -16.32
N GLU B 223 -15.43 10.60 -17.59
CA GLU B 223 -16.71 10.69 -18.28
C GLU B 223 -17.77 9.85 -17.58
N LYS B 224 -17.41 8.60 -17.24
CA LYS B 224 -18.34 7.73 -16.53
C LYS B 224 -18.79 8.33 -15.21
N ALA B 225 -17.85 8.94 -14.48
CA ALA B 225 -18.17 9.47 -13.16
C ALA B 225 -18.94 10.78 -13.23
N SER B 226 -18.78 11.55 -14.31
CA SER B 226 -19.45 12.84 -14.41
C SER B 226 -20.94 12.70 -14.72
N ILE B 227 -21.39 11.51 -15.11
CA ILE B 227 -22.78 11.29 -15.54
C ILE B 227 -23.57 10.75 -14.37
N PRO B 228 -24.60 11.47 -13.88
CA PRO B 228 -25.48 11.02 -12.80
C PRO B 228 -26.47 9.96 -13.26
ZN ZN C . -10.05 -9.80 7.60
ZN ZN D . -3.71 14.78 -4.79
C1 IPA E . -1.89 22.73 -29.24
C2 IPA E . -0.64 22.39 -30.04
C3 IPA E . 0.60 22.68 -29.21
O2 IPA E . -0.67 21.00 -30.38
#